data_7UKS
#
_entry.id   7UKS
#
_cell.length_a   40.792
_cell.length_b   89.102
_cell.length_c   172.316
_cell.angle_alpha   90.000
_cell.angle_beta   90.000
_cell.angle_gamma   90.000
#
_symmetry.space_group_name_H-M   'P 21 21 21'
#
loop_
_entity.id
_entity.type
_entity.pdbx_description
1 polymer 'Son of sevenless homolog 1'
2 non-polymer 4-methyl-N-{(1R)-1-[2-methyl-3-(trifluoromethyl)phenyl]ethyl}-7-(piperazin-1-yl)phthalazin-1-amine
3 water water
#
_entity_poly.entity_id   1
_entity_poly.type   'polypeptide(L)'
_entity_poly.pdbx_seq_one_letter_code
;GEEQMRLPSADVYRFAEPDSEENIIFEENMQPKAGIPIIKAGTVIKLIERLTYHMYADPNFVRTFLTTYRSFCKPQELLS
LIIERFEIPEPEPTEADRIAIENGDQPLSAELKRFRKEYIQPVQLRVLNVCRHWVEHHFYDFERDAYLLQRMEEFIGTVR
GKAMKKWVESITKIIQRKKIARDNGPGHNITFQSSPPTVEWHISRPGHIETFDLLTLHPIEIARQLTLLESDLYRAVQPS
ELVGSVWTKEDKEINSPNLLKMIRHTTNLTLWFEKCIVETENLEERVAVVSRIIEILQVFQELNNFNGVLEVVSAMNSSP
VYRLDHTFEQIPSRQKKILEEAHELSEDHYKKYLAKLRSINPPCVPFFGIYLTNILKTEEGNPEVLKRHGKELINFSKRR
KVAEITGEIQQYQNQPYCLRVESDIKRFFENLNPMGNSMEKEFTDYLFNKSLEIEPRNPKPLPRFPKKYSYPLKSPGVRP
SNPRPGT
;
_entity_poly.pdbx_strand_id   A
#
# COMPACT_ATOMS: atom_id res chain seq x y z
N MET A 5 -27.69 -0.64 33.32
CA MET A 5 -27.38 0.77 33.53
C MET A 5 -28.31 1.66 32.72
N ARG A 6 -28.57 2.86 33.24
CA ARG A 6 -29.44 3.83 32.58
C ARG A 6 -28.57 4.76 31.75
N LEU A 7 -28.49 4.48 30.44
CA LEU A 7 -27.66 5.28 29.55
C LEU A 7 -28.25 6.69 29.41
N PRO A 8 -27.42 7.67 29.06
CA PRO A 8 -27.91 9.05 28.94
C PRO A 8 -29.01 9.18 27.89
N SER A 9 -29.82 10.22 28.06
CA SER A 9 -30.91 10.47 27.14
C SER A 9 -30.39 10.94 25.78
N ALA A 10 -31.26 10.87 24.78
CA ALA A 10 -30.88 11.28 23.42
C ALA A 10 -30.74 12.78 23.27
N ASP A 11 -31.40 13.56 24.13
CA ASP A 11 -31.35 15.01 24.00
C ASP A 11 -30.00 15.58 24.41
N VAL A 12 -29.16 14.81 25.11
CA VAL A 12 -27.86 15.26 25.55
C VAL A 12 -26.73 14.35 25.07
N TYR A 13 -27.05 13.23 24.41
CA TYR A 13 -26.02 12.29 23.99
C TYR A 13 -26.56 11.48 22.82
N ARG A 14 -25.77 11.37 21.74
CA ARG A 14 -26.23 10.74 20.51
C ARG A 14 -25.78 9.30 20.36
N PHE A 15 -24.89 8.81 21.22
CA PHE A 15 -24.34 7.46 21.09
C PHE A 15 -24.94 6.48 22.07
N ALA A 16 -26.13 6.77 22.59
CA ALA A 16 -26.79 5.91 23.56
C ALA A 16 -28.14 5.39 23.08
N GLU A 17 -28.49 5.62 21.81
CA GLU A 17 -29.74 5.11 21.30
C GLU A 17 -29.67 3.59 21.15
N PRO A 18 -30.72 2.86 21.56
CA PRO A 18 -30.68 1.40 21.44
C PRO A 18 -30.59 0.95 20.00
N ASP A 19 -30.02 -0.24 19.81
CA ASP A 19 -29.89 -0.80 18.47
C ASP A 19 -31.25 -1.17 17.90
N SER A 20 -31.36 -1.05 16.58
CA SER A 20 -32.58 -1.44 15.87
C SER A 20 -32.18 -1.88 14.47
N GLU A 21 -33.18 -2.30 13.70
CA GLU A 21 -32.96 -2.67 12.31
C GLU A 21 -32.77 -1.47 11.40
N GLU A 22 -32.85 -0.25 11.93
CA GLU A 22 -32.73 0.96 11.15
C GLU A 22 -31.39 1.67 11.36
N ASN A 23 -30.50 1.13 12.20
CA ASN A 23 -29.24 1.82 12.48
C ASN A 23 -28.01 0.91 12.51
N ILE A 24 -28.16 -0.41 12.59
CA ILE A 24 -27.00 -1.30 12.60
C ILE A 24 -27.46 -2.69 12.19
N ILE A 25 -26.63 -3.36 11.40
CA ILE A 25 -26.86 -4.74 10.97
C ILE A 25 -25.62 -5.56 11.31
N PHE A 26 -25.83 -6.79 11.75
CA PHE A 26 -24.75 -7.72 12.04
C PHE A 26 -24.76 -8.83 10.99
N GLU A 27 -23.77 -9.72 11.09
CA GLU A 27 -23.61 -10.79 10.13
C GLU A 27 -23.53 -12.16 10.81
N ILE A 36 -17.99 -11.98 20.08
CA ILE A 36 -18.02 -10.64 19.51
C ILE A 36 -18.71 -10.65 18.16
N PRO A 37 -19.84 -9.95 18.06
CA PRO A 37 -20.58 -9.92 16.79
C PRO A 37 -19.81 -9.16 15.72
N ILE A 38 -20.07 -9.54 14.47
CA ILE A 38 -19.44 -8.93 13.30
C ILE A 38 -20.44 -7.99 12.66
N ILE A 39 -20.08 -6.71 12.58
CA ILE A 39 -20.97 -5.70 12.03
C ILE A 39 -21.02 -5.81 10.51
N LYS A 40 -22.22 -5.75 9.95
CA LYS A 40 -22.42 -5.76 8.51
C LYS A 40 -22.64 -4.37 7.95
N ALA A 41 -23.52 -3.59 8.57
CA ALA A 41 -23.80 -2.23 8.12
C ALA A 41 -24.39 -1.44 9.28
N GLY A 42 -24.41 -0.12 9.12
CA GLY A 42 -24.97 0.72 10.15
C GLY A 42 -24.64 2.18 9.89
N THR A 43 -25.32 3.03 10.65
CA THR A 43 -25.07 4.47 10.57
C THR A 43 -23.67 4.80 11.09
N VAL A 44 -23.22 6.01 10.78
CA VAL A 44 -21.91 6.45 11.26
C VAL A 44 -21.91 6.54 12.78
N ILE A 45 -23.04 6.93 13.38
CA ILE A 45 -23.13 6.99 14.83
C ILE A 45 -22.99 5.60 15.43
N LYS A 46 -23.66 4.61 14.84
CA LYS A 46 -23.58 3.25 15.37
C LYS A 46 -22.21 2.64 15.16
N LEU A 47 -21.48 3.06 14.12
CA LEU A 47 -20.13 2.56 13.91
C LEU A 47 -19.18 3.13 14.95
N ILE A 48 -19.31 4.41 15.28
CA ILE A 48 -18.45 5.02 16.30
C ILE A 48 -18.72 4.40 17.66
N GLU A 49 -20.00 4.12 17.96
CA GLU A 49 -20.35 3.49 19.23
C GLU A 49 -19.71 2.11 19.35
N ARG A 50 -19.86 1.28 18.32
CA ARG A 50 -19.26 -0.05 18.35
C ARG A 50 -17.75 0.02 18.23
N LEU A 51 -17.21 1.09 17.63
CA LEU A 51 -15.76 1.28 17.60
C LEU A 51 -15.19 1.47 19.00
N THR A 52 -16.00 2.02 19.92
CA THR A 52 -15.60 2.29 21.30
C THR A 52 -16.61 1.67 22.25
N TYR A 53 -16.87 0.38 22.09
CA TYR A 53 -17.86 -0.30 22.91
C TYR A 53 -17.32 -0.52 24.32
N HIS A 54 -18.19 -0.33 25.31
CA HIS A 54 -17.77 -0.39 26.71
C HIS A 54 -17.72 -1.81 27.27
N MET A 55 -18.38 -2.77 26.62
CA MET A 55 -18.46 -4.12 27.15
C MET A 55 -17.27 -4.99 26.77
N TYR A 56 -16.59 -4.69 25.67
CA TYR A 56 -15.44 -5.48 25.25
C TYR A 56 -14.61 -4.68 24.26
N ALA A 57 -13.34 -5.07 24.15
CA ALA A 57 -12.44 -4.46 23.18
C ALA A 57 -12.52 -5.21 21.86
N ASP A 58 -12.56 -4.44 20.77
CA ASP A 58 -12.73 -5.00 19.41
C ASP A 58 -11.52 -4.58 18.58
N PRO A 59 -10.40 -5.30 18.70
CA PRO A 59 -9.20 -4.90 17.95
C PRO A 59 -9.34 -5.08 16.45
N ASN A 60 -10.03 -6.13 16.00
CA ASN A 60 -10.19 -6.36 14.57
C ASN A 60 -11.03 -5.26 13.93
N PHE A 61 -12.08 -4.81 14.61
CA PHE A 61 -12.94 -3.76 14.06
C PHE A 61 -12.22 -2.41 14.07
N VAL A 62 -11.41 -2.15 15.11
CA VAL A 62 -10.66 -0.90 15.16
C VAL A 62 -9.67 -0.83 14.01
N ARG A 63 -8.96 -1.93 13.74
CA ARG A 63 -7.99 -1.94 12.65
C ARG A 63 -8.67 -1.78 11.30
N THR A 64 -9.79 -2.47 11.08
CA THR A 64 -10.49 -2.36 9.80
C THR A 64 -11.12 -0.99 9.63
N PHE A 65 -11.62 -0.41 10.72
CA PHE A 65 -12.28 0.90 10.64
C PHE A 65 -11.29 1.99 10.22
N LEU A 66 -10.20 2.14 10.96
CA LEU A 66 -9.24 3.21 10.70
C LEU A 66 -8.53 3.05 9.36
N THR A 67 -8.54 1.84 8.78
CA THR A 67 -7.99 1.65 7.45
C THR A 67 -8.95 2.11 6.37
N THR A 68 -10.26 1.94 6.58
CA THR A 68 -11.24 2.12 5.53
C THR A 68 -12.25 3.25 5.80
N TYR A 69 -12.12 3.99 6.91
CA TYR A 69 -13.16 4.94 7.26
C TYR A 69 -13.24 6.09 6.26
N ARG A 70 -12.14 6.41 5.58
CA ARG A 70 -12.11 7.55 4.67
C ARG A 70 -13.03 7.36 3.47
N SER A 71 -13.52 6.15 3.23
CA SER A 71 -14.49 5.92 2.17
C SER A 71 -15.91 6.29 2.57
N PHE A 72 -16.13 6.70 3.82
CA PHE A 72 -17.46 7.14 4.24
C PHE A 72 -17.44 8.24 5.29
N CYS A 73 -16.28 8.75 5.69
CA CYS A 73 -16.21 9.79 6.71
C CYS A 73 -14.86 10.50 6.60
N LYS A 74 -14.90 11.82 6.65
CA LYS A 74 -13.67 12.60 6.58
C LYS A 74 -12.88 12.50 7.89
N PRO A 75 -11.57 12.71 7.85
CA PRO A 75 -10.78 12.68 9.10
C PRO A 75 -11.21 13.72 10.11
N GLN A 76 -11.52 14.95 9.66
CA GLN A 76 -11.97 15.97 10.59
C GLN A 76 -13.30 15.58 11.23
N GLU A 77 -14.20 14.99 10.47
CA GLU A 77 -15.49 14.57 11.02
C GLU A 77 -15.32 13.43 12.00
N LEU A 78 -14.36 12.52 11.75
CA LEU A 78 -14.13 11.40 12.66
C LEU A 78 -13.64 11.89 14.01
N LEU A 79 -12.70 12.83 14.02
CA LEU A 79 -12.18 13.35 15.28
C LEU A 79 -13.27 14.06 16.07
N SER A 80 -14.17 14.78 15.38
CA SER A 80 -15.29 15.42 16.06
C SER A 80 -16.25 14.39 16.64
N LEU A 81 -16.43 13.27 15.93
CA LEU A 81 -17.37 12.25 16.40
C LEU A 81 -16.81 11.50 17.60
N ILE A 82 -15.50 11.24 17.62
CA ILE A 82 -14.94 10.51 18.76
C ILE A 82 -14.78 11.44 19.96
N ILE A 83 -14.60 12.73 19.74
CA ILE A 83 -14.58 13.68 20.86
C ILE A 83 -15.98 13.81 21.46
N GLU A 84 -17.01 13.90 20.62
CA GLU A 84 -18.37 13.90 21.10
C GLU A 84 -18.70 12.60 21.84
N ARG A 85 -18.18 11.48 21.33
CA ARG A 85 -18.33 10.20 22.02
C ARG A 85 -17.63 10.20 23.38
N PHE A 86 -16.54 10.96 23.50
CA PHE A 86 -15.79 10.99 24.74
C PHE A 86 -16.54 11.75 25.83
N GLU A 87 -17.11 12.90 25.48
CA GLU A 87 -17.76 13.79 26.47
C GLU A 87 -19.15 13.27 26.77
N ILE A 88 -19.21 12.31 27.68
CA ILE A 88 -20.46 11.70 28.12
C ILE A 88 -21.02 12.55 29.26
N PRO A 89 -22.26 13.03 29.16
CA PRO A 89 -22.81 13.84 30.24
C PRO A 89 -23.15 12.99 31.45
N GLU A 90 -22.78 13.50 32.63
CA GLU A 90 -23.08 12.80 33.86
C GLU A 90 -24.52 13.08 34.31
N PRO A 91 -25.17 12.11 34.95
CA PRO A 91 -26.55 12.31 35.37
C PRO A 91 -26.67 13.38 36.45
N GLU A 92 -27.89 13.87 36.62
CA GLU A 92 -28.14 14.89 37.62
C GLU A 92 -27.96 14.32 39.02
N PRO A 93 -27.41 15.09 39.96
CA PRO A 93 -27.29 14.60 41.34
C PRO A 93 -28.66 14.43 41.97
N THR A 94 -28.73 13.49 42.92
CA THR A 94 -29.96 13.31 43.67
C THR A 94 -30.20 14.51 44.58
N GLU A 95 -31.44 14.64 45.06
CA GLU A 95 -31.79 15.76 45.91
C GLU A 95 -31.00 15.72 47.22
N ALA A 96 -30.80 14.53 47.78
CA ALA A 96 -30.04 14.41 49.02
C ALA A 96 -28.57 14.75 48.81
N ASP A 97 -28.05 14.53 47.60
CA ASP A 97 -26.65 14.84 47.32
C ASP A 97 -26.44 16.30 46.96
N ARG A 98 -27.43 16.95 46.34
CA ARG A 98 -27.26 18.34 45.93
C ARG A 98 -27.26 19.28 47.13
N ILE A 99 -27.93 18.90 48.22
CA ILE A 99 -27.89 19.74 49.42
C ILE A 99 -26.63 19.49 50.24
N ALA A 100 -25.98 18.34 50.05
CA ALA A 100 -24.66 18.14 50.65
C ALA A 100 -23.60 18.94 49.91
N ILE A 101 -23.70 19.00 48.58
CA ILE A 101 -22.79 19.82 47.80
C ILE A 101 -23.00 21.30 48.11
N GLU A 102 -24.23 21.69 48.42
CA GLU A 102 -24.51 23.08 48.78
C GLU A 102 -23.85 23.44 50.10
N ASN A 103 -23.89 22.54 51.08
CA ASN A 103 -23.27 22.77 52.38
C ASN A 103 -21.77 22.54 52.38
N GLY A 104 -21.18 22.20 51.23
CA GLY A 104 -19.77 21.90 51.17
C GLY A 104 -19.38 20.50 51.56
N ASP A 105 -20.36 19.62 51.81
CA ASP A 105 -20.09 18.26 52.21
C ASP A 105 -19.92 17.36 50.99
N GLN A 106 -19.42 16.15 51.22
CA GLN A 106 -19.22 15.18 50.15
C GLN A 106 -20.50 14.40 49.90
N PRO A 107 -21.00 14.35 48.67
CA PRO A 107 -22.22 13.60 48.39
C PRO A 107 -21.97 12.11 48.32
N LEU A 108 -23.07 11.35 48.39
CA LEU A 108 -22.98 9.90 48.27
C LEU A 108 -22.63 9.50 46.84
N SER A 109 -23.44 9.94 45.87
CA SER A 109 -23.19 9.69 44.46
C SER A 109 -23.07 8.20 44.17
N ALA A 110 -24.01 7.42 44.70
CA ALA A 110 -23.95 5.97 44.54
C ALA A 110 -24.11 5.57 43.08
N GLU A 111 -25.22 5.98 42.44
CA GLU A 111 -25.42 5.66 41.04
C GLU A 111 -24.44 6.41 40.14
N LEU A 112 -24.04 7.61 40.55
CA LEU A 112 -23.09 8.37 39.75
C LEU A 112 -21.73 7.68 39.68
N LYS A 113 -21.30 7.06 40.78
CA LYS A 113 -20.04 6.33 40.78
C LYS A 113 -20.15 5.07 39.93
N ARG A 114 -21.29 4.36 40.02
CA ARG A 114 -21.47 3.15 39.22
C ARG A 114 -21.53 3.47 37.73
N PHE A 115 -22.05 4.65 37.38
CA PHE A 115 -22.13 5.03 35.97
C PHE A 115 -20.75 5.35 35.41
N ARG A 116 -19.90 6.01 36.21
CA ARG A 116 -18.54 6.30 35.76
C ARG A 116 -17.72 5.02 35.63
N LYS A 117 -17.87 4.11 36.59
CA LYS A 117 -17.04 2.91 36.59
C LYS A 117 -17.45 1.94 35.48
N GLU A 118 -18.74 1.81 35.22
CA GLU A 118 -19.25 0.80 34.30
C GLU A 118 -19.47 1.32 32.88
N TYR A 119 -19.47 2.63 32.67
CA TYR A 119 -19.76 3.14 31.32
C TYR A 119 -18.81 4.24 30.90
N ILE A 120 -18.72 5.31 31.68
CA ILE A 120 -17.94 6.48 31.27
C ILE A 120 -16.48 6.13 31.11
N GLN A 121 -15.87 5.57 32.16
CA GLN A 121 -14.46 5.21 32.08
C GLN A 121 -14.17 4.14 31.03
N PRO A 122 -14.96 3.06 30.89
CA PRO A 122 -14.68 2.11 29.80
C PRO A 122 -14.79 2.73 28.42
N VAL A 123 -15.79 3.57 28.17
CA VAL A 123 -15.93 4.20 26.86
C VAL A 123 -14.78 5.15 26.60
N GLN A 124 -14.41 5.96 27.60
CA GLN A 124 -13.34 6.93 27.40
C GLN A 124 -12.00 6.26 27.15
N LEU A 125 -11.75 5.11 27.79
CA LEU A 125 -10.51 4.39 27.53
C LEU A 125 -10.51 3.77 26.13
N ARG A 126 -11.69 3.42 25.61
CA ARG A 126 -11.76 2.93 24.23
C ARG A 126 -11.52 4.05 23.23
N VAL A 127 -12.00 5.26 23.54
CA VAL A 127 -11.75 6.40 22.66
C VAL A 127 -10.26 6.73 22.60
N LEU A 128 -9.58 6.62 23.74
CA LEU A 128 -8.14 6.87 23.76
C LEU A 128 -7.39 5.76 23.03
N ASN A 129 -7.86 4.51 23.16
CA ASN A 129 -7.24 3.41 22.43
C ASN A 129 -7.39 3.60 20.93
N VAL A 130 -8.54 4.12 20.49
CA VAL A 130 -8.72 4.43 19.08
C VAL A 130 -7.78 5.56 18.66
N CYS A 131 -7.59 6.55 19.54
CA CYS A 131 -6.68 7.64 19.23
C CYS A 131 -5.23 7.16 19.12
N ARG A 132 -4.85 6.16 19.92
CA ARG A 132 -3.49 5.64 19.85
C ARG A 132 -3.28 4.85 18.56
N HIS A 133 -4.21 3.96 18.24
CA HIS A 133 -4.12 3.21 16.99
C HIS A 133 -4.14 4.13 15.78
N TRP A 134 -4.84 5.26 15.87
CA TRP A 134 -4.92 6.20 14.76
C TRP A 134 -3.56 6.84 14.49
N VAL A 135 -2.92 7.38 15.52
CA VAL A 135 -1.65 8.06 15.32
C VAL A 135 -0.50 7.08 15.12
N GLU A 136 -0.69 5.80 15.46
CA GLU A 136 0.40 4.85 15.35
C GLU A 136 0.50 4.27 13.94
N HIS A 137 -0.64 3.92 13.33
CA HIS A 137 -0.66 3.26 12.04
C HIS A 137 -1.19 4.14 10.91
N HIS A 138 -1.82 5.27 11.21
CA HIS A 138 -2.38 6.15 10.19
C HIS A 138 -2.03 7.60 10.48
N PHE A 139 -0.77 7.85 10.82
CA PHE A 139 -0.34 9.19 11.17
C PHE A 139 -0.31 10.12 9.96
N TYR A 140 -0.31 9.57 8.74
CA TYR A 140 -0.31 10.40 7.55
C TYR A 140 -1.55 11.30 7.47
N ASP A 141 -2.65 10.92 8.12
CA ASP A 141 -3.80 11.82 8.19
C ASP A 141 -3.43 13.14 8.86
N PHE A 142 -2.57 13.08 9.88
CA PHE A 142 -2.16 14.29 10.59
C PHE A 142 -1.03 15.02 9.88
N GLU A 143 -0.28 14.34 9.01
CA GLU A 143 0.72 15.01 8.20
C GLU A 143 0.07 15.78 7.06
N ARG A 144 -0.99 15.23 6.47
CA ARG A 144 -1.71 15.91 5.41
C ARG A 144 -2.63 17.01 5.93
N ASP A 145 -2.92 17.02 7.23
CA ASP A 145 -3.79 18.02 7.83
C ASP A 145 -3.19 18.41 9.17
N ALA A 146 -2.49 19.55 9.20
CA ALA A 146 -1.87 20.01 10.44
C ALA A 146 -2.92 20.42 11.47
N TYR A 147 -4.03 20.99 11.02
CA TYR A 147 -5.10 21.37 11.94
C TYR A 147 -5.73 20.15 12.59
N LEU A 148 -5.78 19.02 11.88
CA LEU A 148 -6.26 17.79 12.49
C LEU A 148 -5.36 17.35 13.63
N LEU A 149 -4.04 17.47 13.44
CA LEU A 149 -3.11 17.13 14.50
C LEU A 149 -3.17 18.13 15.64
N GLN A 150 -3.42 19.41 15.34
CA GLN A 150 -3.57 20.41 16.38
C GLN A 150 -4.78 20.13 17.25
N ARG A 151 -5.89 19.70 16.63
CA ARG A 151 -7.07 19.32 17.40
C ARG A 151 -6.80 18.08 18.24
N MET A 152 -6.11 17.09 17.66
CA MET A 152 -5.82 15.86 18.39
C MET A 152 -4.96 16.14 19.62
N GLU A 153 -3.90 16.93 19.44
CA GLU A 153 -3.04 17.27 20.57
C GLU A 153 -3.76 18.15 21.58
N GLU A 154 -4.64 19.04 21.10
CA GLU A 154 -5.46 19.84 22.01
C GLU A 154 -6.39 18.96 22.83
N PHE A 155 -6.98 17.95 22.20
CA PHE A 155 -7.94 17.09 22.89
C PHE A 155 -7.25 16.24 23.95
N ILE A 156 -6.22 15.48 23.56
CA ILE A 156 -5.54 14.61 24.52
C ILE A 156 -4.80 15.41 25.58
N GLY A 157 -4.43 16.66 25.29
CA GLY A 157 -3.72 17.46 26.26
C GLY A 157 -4.59 17.97 27.40
N THR A 158 -5.92 18.02 27.18
CA THR A 158 -6.84 18.52 28.19
C THR A 158 -7.65 17.40 28.83
N VAL A 159 -7.22 16.15 28.68
CA VAL A 159 -7.88 15.02 29.32
C VAL A 159 -7.44 14.96 30.78
N ARG A 160 -8.40 15.07 31.70
CA ARG A 160 -8.14 15.07 33.13
C ARG A 160 -8.55 13.72 33.71
N GLY A 161 -7.63 13.10 34.44
CA GLY A 161 -7.90 11.82 35.06
C GLY A 161 -6.66 11.02 35.37
N LYS A 162 -6.70 10.21 36.43
CA LYS A 162 -5.56 9.39 36.80
C LYS A 162 -5.48 8.14 35.94
N ALA A 163 -6.61 7.45 35.74
CA ALA A 163 -6.63 6.24 34.94
C ALA A 163 -6.30 6.50 33.48
N MET A 164 -6.49 7.72 33.00
CA MET A 164 -6.19 8.07 31.62
C MET A 164 -4.86 8.78 31.46
N LYS A 165 -4.08 8.91 32.54
CA LYS A 165 -2.79 9.58 32.45
C LYS A 165 -1.80 8.77 31.62
N LYS A 166 -1.80 7.44 31.79
CA LYS A 166 -0.88 6.61 31.03
C LYS A 166 -1.23 6.58 29.55
N TRP A 167 -2.52 6.71 29.22
CA TRP A 167 -2.92 6.73 27.82
C TRP A 167 -2.49 8.03 27.14
N VAL A 168 -2.65 9.16 27.82
CA VAL A 168 -2.24 10.44 27.25
C VAL A 168 -0.74 10.45 26.99
N GLU A 169 0.04 9.84 27.90
CA GLU A 169 1.49 9.84 27.74
C GLU A 169 1.92 8.95 26.59
N SER A 170 1.29 7.79 26.43
CA SER A 170 1.66 6.89 25.33
C SER A 170 1.32 7.51 23.98
N ILE A 171 0.16 8.15 23.87
CA ILE A 171 -0.21 8.82 22.62
C ILE A 171 0.75 9.97 22.33
N THR A 172 1.20 10.66 23.37
CA THR A 172 2.15 11.75 23.19
C THR A 172 3.50 11.23 22.70
N LYS A 173 4.00 10.15 23.29
CA LYS A 173 5.25 9.56 22.85
C LYS A 173 5.20 9.16 21.38
N ILE A 174 4.05 8.63 20.94
CA ILE A 174 3.92 8.21 19.56
C ILE A 174 3.87 9.40 18.63
N ILE A 175 3.13 10.45 19.00
CA ILE A 175 3.05 11.66 18.19
C ILE A 175 4.43 12.29 18.05
N GLN A 176 5.19 12.32 19.15
CA GLN A 176 6.53 12.91 19.09
C GLN A 176 7.48 12.06 18.25
N ARG A 177 7.38 10.73 18.36
CA ARG A 177 8.25 9.87 17.58
C ARG A 177 7.94 9.97 16.10
N LYS A 178 6.67 10.15 15.74
CA LYS A 178 6.30 10.28 14.33
C LYS A 178 6.87 11.57 13.75
N LYS A 179 6.85 12.67 14.51
CA LYS A 179 7.43 13.92 14.03
C LYS A 179 8.95 13.80 13.89
N ILE A 180 9.61 13.13 14.83
CA ILE A 180 11.05 12.99 14.77
C ILE A 180 11.46 12.08 13.61
N ALA A 181 10.68 11.01 13.38
CA ALA A 181 11.00 10.08 12.30
C ALA A 181 10.76 10.65 10.91
N ARG A 182 10.18 11.86 10.82
CA ARG A 182 9.94 12.50 9.53
C ARG A 182 11.19 13.10 8.91
N ASP A 183 12.28 13.23 9.65
CA ASP A 183 13.50 13.81 9.09
C ASP A 183 14.28 12.82 8.25
N ASN A 184 14.22 11.53 8.58
CA ASN A 184 14.95 10.51 7.84
C ASN A 184 14.22 10.15 6.55
N THR A 191 21.10 -2.28 8.97
CA THR A 191 21.41 -3.27 9.98
C THR A 191 20.95 -4.66 9.54
N PHE A 192 21.89 -5.43 8.99
CA PHE A 192 21.60 -6.77 8.49
C PHE A 192 21.69 -7.79 9.61
N GLN A 193 20.89 -8.85 9.49
CA GLN A 193 20.99 -10.00 10.38
C GLN A 193 21.91 -11.09 9.84
N SER A 194 22.19 -11.06 8.53
CA SER A 194 23.11 -12.00 7.91
C SER A 194 24.03 -11.23 6.98
N SER A 195 25.12 -11.88 6.59
CA SER A 195 26.10 -11.25 5.71
C SER A 195 25.54 -11.13 4.30
N PRO A 196 25.43 -9.93 3.74
CA PRO A 196 24.90 -9.79 2.39
C PRO A 196 25.91 -10.27 1.36
N PRO A 197 25.45 -10.73 0.21
CA PRO A 197 26.39 -11.16 -0.83
C PRO A 197 27.20 -9.99 -1.39
N THR A 198 28.27 -10.34 -2.09
CA THR A 198 29.15 -9.34 -2.67
C THR A 198 28.49 -8.69 -3.89
N VAL A 199 28.66 -7.37 -4.00
CA VAL A 199 28.09 -6.64 -5.14
C VAL A 199 28.77 -7.09 -6.42
N GLU A 200 27.98 -7.49 -7.41
CA GLU A 200 28.49 -8.00 -8.67
C GLU A 200 28.65 -6.85 -9.67
N TRP A 201 29.75 -6.88 -10.40
CA TRP A 201 30.04 -5.89 -11.43
C TRP A 201 30.41 -6.58 -12.73
N HIS A 202 30.17 -5.88 -13.84
CA HIS A 202 30.48 -6.41 -15.17
C HIS A 202 31.47 -5.51 -15.89
N ILE A 203 30.99 -4.77 -16.89
CA ILE A 203 31.89 -3.89 -17.65
C ILE A 203 32.10 -2.58 -16.90
N SER A 204 31.01 -1.96 -16.45
CA SER A 204 31.11 -0.69 -15.74
C SER A 204 31.81 -0.89 -14.40
N ARG A 205 32.93 -0.22 -14.22
CA ARG A 205 33.67 -0.27 -12.96
C ARG A 205 32.97 0.58 -11.90
N PRO A 206 33.18 0.27 -10.62
CA PRO A 206 32.57 1.09 -9.57
C PRO A 206 33.04 2.54 -9.65
N GLY A 207 32.08 3.46 -9.65
CA GLY A 207 32.33 4.87 -9.73
C GLY A 207 32.11 5.48 -11.10
N HIS A 208 32.19 4.67 -12.16
CA HIS A 208 32.01 5.16 -13.53
C HIS A 208 30.52 5.15 -13.86
N ILE A 209 29.81 6.14 -13.30
CA ILE A 209 28.38 6.26 -13.52
C ILE A 209 28.03 6.73 -14.92
N GLU A 210 29.02 7.16 -15.71
CA GLU A 210 28.76 7.62 -17.06
C GLU A 210 28.54 6.47 -18.04
N THR A 211 28.95 5.26 -17.69
CA THR A 211 28.84 4.10 -18.57
C THR A 211 27.77 3.12 -18.10
N PHE A 212 26.92 3.51 -17.14
CA PHE A 212 25.89 2.60 -16.66
C PHE A 212 24.80 2.44 -17.72
N ASP A 213 24.50 1.19 -18.07
CA ASP A 213 23.47 0.89 -19.05
C ASP A 213 22.98 -0.54 -18.81
N LEU A 214 22.08 -0.99 -19.68
CA LEU A 214 21.49 -2.32 -19.52
C LEU A 214 22.55 -3.42 -19.65
N LEU A 215 23.40 -3.32 -20.67
CA LEU A 215 24.38 -4.36 -20.95
C LEU A 215 25.69 -4.15 -20.22
N THR A 216 25.99 -2.93 -19.80
CA THR A 216 27.27 -2.66 -19.14
C THR A 216 27.26 -3.12 -17.68
N LEU A 217 26.15 -2.91 -16.98
CA LEU A 217 26.04 -3.36 -15.60
C LEU A 217 25.84 -4.87 -15.55
N HIS A 218 26.09 -5.43 -14.38
CA HIS A 218 25.94 -6.87 -14.19
C HIS A 218 24.46 -7.21 -14.02
N PRO A 219 23.95 -8.21 -14.75
CA PRO A 219 22.51 -8.53 -14.63
C PRO A 219 22.11 -8.98 -13.23
N ILE A 220 23.00 -9.62 -12.49
CA ILE A 220 22.69 -9.99 -11.12
C ILE A 220 22.47 -8.75 -10.28
N GLU A 221 23.33 -7.74 -10.44
CA GLU A 221 23.21 -6.53 -9.64
C GLU A 221 22.09 -5.62 -10.12
N ILE A 222 21.73 -5.69 -11.40
CA ILE A 222 20.58 -4.94 -11.89
C ILE A 222 19.30 -5.45 -11.23
N ALA A 223 19.17 -6.77 -11.11
CA ALA A 223 17.98 -7.34 -10.46
C ALA A 223 18.02 -7.14 -8.96
N ARG A 224 19.22 -7.14 -8.35
CA ARG A 224 19.32 -6.92 -6.92
C ARG A 224 18.90 -5.50 -6.55
N GLN A 225 19.45 -4.50 -7.24
CA GLN A 225 19.16 -3.12 -6.91
C GLN A 225 17.71 -2.75 -7.24
N LEU A 226 17.19 -3.27 -8.35
CA LEU A 226 15.78 -3.05 -8.66
C LEU A 226 14.88 -3.67 -7.60
N THR A 227 15.24 -4.86 -7.12
CA THR A 227 14.46 -5.50 -6.06
C THR A 227 14.50 -4.68 -4.77
N LEU A 228 15.68 -4.17 -4.40
CA LEU A 228 15.78 -3.29 -3.24
C LEU A 228 15.00 -2.01 -3.45
N LEU A 229 15.04 -1.47 -4.68
CA LEU A 229 14.28 -0.25 -4.97
C LEU A 229 12.78 -0.51 -4.93
N GLU A 230 12.34 -1.63 -5.52
CA GLU A 230 10.91 -1.92 -5.57
C GLU A 230 10.38 -2.43 -4.24
N SER A 231 11.22 -3.06 -3.41
CA SER A 231 10.78 -3.48 -2.09
C SER A 231 10.45 -2.27 -1.22
N ASP A 232 11.33 -1.26 -1.21
CA ASP A 232 11.07 -0.07 -0.43
C ASP A 232 9.82 0.66 -0.91
N LEU A 233 9.64 0.76 -2.23
CA LEU A 233 8.44 1.39 -2.77
C LEU A 233 7.19 0.61 -2.40
N TYR A 234 7.28 -0.71 -2.34
CA TYR A 234 6.15 -1.53 -1.94
C TYR A 234 5.86 -1.37 -0.46
N ARG A 235 6.90 -1.42 0.38
CA ARG A 235 6.71 -1.37 1.82
C ARG A 235 6.21 -0.01 2.30
N ALA A 236 6.33 1.03 1.48
CA ALA A 236 5.82 2.35 1.85
C ALA A 236 4.34 2.52 1.53
N VAL A 237 3.72 1.54 0.86
CA VAL A 237 2.31 1.65 0.50
C VAL A 237 1.46 1.27 1.70
N GLN A 238 0.53 2.16 2.08
CA GLN A 238 -0.40 1.94 3.17
C GLN A 238 -1.72 1.40 2.64
N PRO A 239 -2.42 0.57 3.42
CA PRO A 239 -3.65 -0.06 2.90
C PRO A 239 -4.74 0.92 2.52
N SER A 240 -4.84 2.05 3.23
CA SER A 240 -5.89 3.02 2.94
C SER A 240 -5.78 3.60 1.53
N GLU A 241 -4.58 3.55 0.93
CA GLU A 241 -4.41 4.03 -0.43
C GLU A 241 -5.09 3.13 -1.45
N LEU A 242 -5.56 1.95 -1.04
CA LEU A 242 -6.24 1.01 -1.93
C LEU A 242 -7.73 0.91 -1.63
N VAL A 243 -8.28 1.82 -0.83
CA VAL A 243 -9.67 1.78 -0.41
C VAL A 243 -10.45 2.84 -1.16
N GLY A 244 -11.66 2.48 -1.59
CA GLY A 244 -12.52 3.43 -2.27
C GLY A 244 -12.03 3.89 -3.62
N SER A 245 -11.05 3.18 -4.21
CA SER A 245 -10.49 3.52 -5.51
C SER A 245 -9.94 4.94 -5.54
N VAL A 246 -9.40 5.39 -4.41
CA VAL A 246 -8.92 6.77 -4.29
C VAL A 246 -7.75 7.05 -5.22
N TRP A 247 -7.00 6.02 -5.63
CA TRP A 247 -5.89 6.23 -6.56
C TRP A 247 -6.35 6.51 -7.98
N THR A 248 -7.66 6.48 -8.24
CA THR A 248 -8.20 6.80 -9.56
C THR A 248 -9.09 8.05 -9.54
N LYS A 249 -9.20 8.73 -8.40
CA LYS A 249 -10.03 9.92 -8.27
C LYS A 249 -9.19 11.17 -8.47
N GLU A 250 -9.80 12.34 -8.24
CA GLU A 250 -9.09 13.61 -8.38
C GLU A 250 -8.00 13.75 -7.33
N ASP A 251 -8.27 13.31 -6.10
CA ASP A 251 -7.30 13.42 -5.00
C ASP A 251 -6.38 12.22 -4.93
N LYS A 252 -5.98 11.67 -6.08
CA LYS A 252 -5.09 10.51 -6.08
C LYS A 252 -3.71 10.85 -5.55
N GLU A 253 -3.22 12.06 -5.83
CA GLU A 253 -1.89 12.44 -5.40
C GLU A 253 -1.82 12.62 -3.89
N ILE A 254 -2.94 12.94 -3.26
CA ILE A 254 -2.96 13.19 -1.82
C ILE A 254 -3.25 11.91 -1.04
N ASN A 255 -4.11 11.05 -1.57
CA ASN A 255 -4.57 9.87 -0.83
C ASN A 255 -3.76 8.62 -1.14
N SER A 256 -3.09 8.56 -2.29
CA SER A 256 -2.31 7.38 -2.69
C SER A 256 -0.99 7.82 -3.30
N PRO A 257 -0.14 8.52 -2.53
CA PRO A 257 1.14 8.96 -3.10
C PRO A 257 2.13 7.82 -3.28
N ASN A 258 2.14 6.87 -2.36
CA ASN A 258 3.08 5.75 -2.44
C ASN A 258 2.63 4.71 -3.47
N LEU A 259 1.32 4.46 -3.54
CA LEU A 259 0.81 3.53 -4.54
C LEU A 259 1.05 4.05 -5.95
N LEU A 260 0.88 5.36 -6.16
CA LEU A 260 1.16 5.94 -7.46
C LEU A 260 2.66 5.92 -7.76
N LYS A 261 3.49 6.11 -6.73
CA LYS A 261 4.93 6.03 -6.93
C LYS A 261 5.34 4.61 -7.31
N MET A 262 4.67 3.61 -6.76
CA MET A 262 4.93 2.22 -7.12
C MET A 262 4.48 1.94 -8.54
N ILE A 263 3.32 2.47 -8.94
CA ILE A 263 2.79 2.19 -10.26
C ILE A 263 3.59 2.93 -11.33
N ARG A 264 3.95 4.19 -11.07
CA ARG A 264 4.71 4.96 -12.05
C ARG A 264 6.11 4.40 -12.24
N HIS A 265 6.70 3.82 -11.19
CA HIS A 265 7.98 3.16 -11.36
C HIS A 265 7.85 1.93 -12.25
N THR A 266 6.79 1.14 -12.05
CA THR A 266 6.58 -0.04 -12.87
C THR A 266 6.38 0.34 -14.33
N THR A 267 5.69 1.46 -14.59
CA THR A 267 5.50 1.91 -15.96
C THR A 267 6.81 2.41 -16.56
N ASN A 268 7.62 3.13 -15.77
CA ASN A 268 8.89 3.64 -16.28
C ASN A 268 9.85 2.50 -16.60
N LEU A 269 9.91 1.48 -15.73
CA LEU A 269 10.84 0.38 -15.95
C LEU A 269 10.38 -0.50 -17.11
N THR A 270 9.08 -0.71 -17.24
CA THR A 270 8.56 -1.51 -18.36
C THR A 270 8.85 -0.82 -19.69
N LEU A 271 8.60 0.49 -19.76
CA LEU A 271 8.87 1.22 -21.00
C LEU A 271 10.36 1.32 -21.28
N TRP A 272 11.19 1.28 -20.23
CA TRP A 272 12.64 1.31 -20.45
C TRP A 272 13.12 0.00 -21.07
N PHE A 273 12.57 -1.13 -20.62
CA PHE A 273 12.92 -2.42 -21.22
C PHE A 273 12.52 -2.45 -22.70
N GLU A 274 11.33 -1.94 -23.02
CA GLU A 274 10.91 -1.86 -24.42
C GLU A 274 11.79 -0.90 -25.21
N LYS A 275 12.21 0.20 -24.58
CA LYS A 275 13.06 1.17 -25.27
C LYS A 275 14.43 0.59 -25.57
N CYS A 276 14.99 -0.18 -24.64
CA CYS A 276 16.28 -0.82 -24.88
C CYS A 276 16.21 -1.86 -25.99
N ILE A 277 15.02 -2.39 -26.28
CA ILE A 277 14.88 -3.42 -27.30
C ILE A 277 14.64 -2.82 -28.68
N VAL A 278 13.64 -1.94 -28.80
CA VAL A 278 13.24 -1.45 -30.12
C VAL A 278 14.26 -0.45 -30.65
N GLU A 279 14.96 0.26 -29.77
CA GLU A 279 15.97 1.22 -30.23
C GLU A 279 17.31 0.55 -30.54
N THR A 280 17.44 -0.76 -30.32
CA THR A 280 18.59 -1.52 -30.76
C THR A 280 18.26 -2.09 -32.13
N GLU A 281 18.61 -1.34 -33.18
CA GLU A 281 18.17 -1.70 -34.53
C GLU A 281 18.87 -2.95 -35.04
N ASN A 282 20.11 -3.20 -34.63
CA ASN A 282 20.83 -4.37 -35.08
C ASN A 282 20.19 -5.63 -34.50
N LEU A 283 19.97 -6.63 -35.35
CA LEU A 283 19.27 -7.84 -34.91
C LEU A 283 20.11 -8.63 -33.91
N GLU A 284 21.41 -8.76 -34.16
CA GLU A 284 22.26 -9.54 -33.25
C GLU A 284 22.33 -8.89 -31.88
N GLU A 285 22.48 -7.56 -31.84
CA GLU A 285 22.54 -6.86 -30.56
C GLU A 285 21.19 -6.90 -29.85
N ARG A 286 20.10 -6.80 -30.61
CA ARG A 286 18.77 -6.85 -30.01
C ARG A 286 18.49 -8.20 -29.37
N VAL A 287 19.03 -9.27 -29.95
CA VAL A 287 18.91 -10.59 -29.32
C VAL A 287 19.64 -10.62 -27.99
N ALA A 288 20.85 -10.06 -27.95
CA ALA A 288 21.61 -9.99 -26.71
C ALA A 288 20.93 -9.10 -25.67
N VAL A 289 20.23 -8.06 -26.13
CA VAL A 289 19.49 -7.20 -25.21
C VAL A 289 18.33 -7.96 -24.58
N VAL A 290 17.54 -8.65 -25.42
CA VAL A 290 16.40 -9.41 -24.90
C VAL A 290 16.90 -10.56 -24.02
N SER A 291 17.99 -11.21 -24.42
CA SER A 291 18.53 -12.31 -23.62
C SER A 291 19.00 -11.82 -22.26
N ARG A 292 19.55 -10.61 -22.19
CA ARG A 292 19.98 -10.07 -20.91
C ARG A 292 18.80 -9.75 -20.00
N ILE A 293 17.71 -9.24 -20.57
CA ILE A 293 16.52 -8.92 -19.78
C ILE A 293 15.89 -10.20 -19.23
N ILE A 294 15.93 -11.29 -19.99
CA ILE A 294 15.43 -12.57 -19.47
C ILE A 294 16.30 -13.04 -18.32
N GLU A 295 17.61 -12.82 -18.39
CA GLU A 295 18.49 -13.13 -17.28
C GLU A 295 18.16 -12.29 -16.05
N ILE A 296 17.81 -11.02 -16.27
CA ILE A 296 17.38 -10.15 -15.18
C ILE A 296 16.12 -10.70 -14.53
N LEU A 297 15.19 -11.20 -15.36
CA LEU A 297 13.98 -11.81 -14.82
C LEU A 297 14.29 -13.06 -14.02
N GLN A 298 15.29 -13.82 -14.44
CA GLN A 298 15.64 -15.05 -13.74
C GLN A 298 16.10 -14.75 -12.31
N VAL A 299 16.87 -13.69 -12.13
CA VAL A 299 17.30 -13.31 -10.78
C VAL A 299 16.13 -12.71 -10.00
N PHE A 300 15.18 -12.07 -10.70
CA PHE A 300 13.96 -11.61 -10.05
C PHE A 300 13.19 -12.77 -9.43
N GLN A 301 13.14 -13.90 -10.13
CA GLN A 301 12.46 -15.07 -9.59
C GLN A 301 13.20 -15.64 -8.40
N GLU A 302 14.53 -15.60 -8.42
CA GLU A 302 15.31 -16.09 -7.29
C GLU A 302 15.04 -15.27 -6.03
N LEU A 303 14.89 -13.97 -6.18
CA LEU A 303 14.62 -13.07 -5.06
C LEU A 303 13.13 -12.96 -4.73
N ASN A 304 12.28 -13.69 -5.45
CA ASN A 304 10.83 -13.66 -5.25
C ASN A 304 10.27 -12.25 -5.43
N ASN A 305 10.91 -11.45 -6.28
CA ASN A 305 10.40 -10.13 -6.64
C ASN A 305 9.40 -10.32 -7.78
N PHE A 306 8.16 -10.67 -7.40
CA PHE A 306 7.13 -10.93 -8.39
C PHE A 306 6.73 -9.69 -9.16
N ASN A 307 6.92 -8.50 -8.60
CA ASN A 307 6.65 -7.28 -9.36
C ASN A 307 7.67 -7.11 -10.47
N GLY A 308 8.95 -7.37 -10.19
CA GLY A 308 9.96 -7.29 -11.23
C GLY A 308 9.80 -8.36 -12.30
N VAL A 309 9.34 -9.55 -11.91
CA VAL A 309 9.12 -10.63 -12.87
C VAL A 309 8.10 -10.19 -13.92
N LEU A 310 6.97 -9.66 -13.48
CA LEU A 310 5.91 -9.26 -14.39
C LEU A 310 6.20 -7.95 -15.10
N GLU A 311 7.18 -7.17 -14.64
CA GLU A 311 7.63 -6.01 -15.40
C GLU A 311 8.32 -6.45 -16.68
N VAL A 312 9.07 -7.55 -16.63
CA VAL A 312 9.68 -8.10 -17.84
C VAL A 312 8.62 -8.79 -18.69
N VAL A 313 7.67 -9.48 -18.05
CA VAL A 313 6.60 -10.14 -18.80
C VAL A 313 5.76 -9.11 -19.54
N SER A 314 5.44 -7.99 -18.88
CA SER A 314 4.66 -6.94 -19.54
C SER A 314 5.45 -6.30 -20.68
N ALA A 315 6.78 -6.26 -20.57
CA ALA A 315 7.59 -5.68 -21.63
C ALA A 315 7.65 -6.61 -22.85
N MET A 316 7.82 -7.91 -22.63
CA MET A 316 7.89 -8.85 -23.73
C MET A 316 6.54 -9.04 -24.40
N ASN A 317 5.43 -8.78 -23.69
CA ASN A 317 4.10 -8.93 -24.26
C ASN A 317 3.56 -7.65 -24.87
N SER A 318 4.26 -6.54 -24.75
CA SER A 318 3.79 -5.29 -25.33
C SER A 318 3.78 -5.37 -26.85
N SER A 319 3.02 -4.47 -27.47
CA SER A 319 2.87 -4.48 -28.92
C SER A 319 4.19 -4.35 -29.67
N PRO A 320 5.12 -3.45 -29.30
CA PRO A 320 6.36 -3.36 -30.08
C PRO A 320 7.28 -4.56 -29.94
N VAL A 321 7.26 -5.25 -28.80
CA VAL A 321 8.25 -6.29 -28.53
C VAL A 321 7.74 -7.67 -28.91
N TYR A 322 6.45 -7.97 -28.65
CA TYR A 322 5.95 -9.33 -28.85
C TYR A 322 5.98 -9.74 -30.32
N ARG A 323 5.91 -8.79 -31.24
CA ARG A 323 5.88 -9.10 -32.66
C ARG A 323 7.26 -9.30 -33.27
N LEU A 324 8.32 -9.21 -32.46
CA LEU A 324 9.69 -9.35 -32.97
C LEU A 324 10.03 -10.84 -33.10
N ASP A 325 9.45 -11.45 -34.14
CA ASP A 325 9.64 -12.89 -34.36
C ASP A 325 11.08 -13.20 -34.74
N HIS A 326 11.74 -12.30 -35.48
CA HIS A 326 13.13 -12.55 -35.84
C HIS A 326 14.06 -12.48 -34.64
N THR A 327 13.70 -11.68 -33.63
CA THR A 327 14.53 -11.57 -32.43
C THR A 327 14.37 -12.80 -31.54
N PHE A 328 13.13 -13.17 -31.25
CA PHE A 328 12.88 -14.31 -30.35
C PHE A 328 13.24 -15.64 -30.99
N GLU A 329 13.38 -15.70 -32.32
CA GLU A 329 13.81 -16.93 -32.97
C GLU A 329 15.21 -17.34 -32.53
N GLN A 330 16.06 -16.37 -32.20
CA GLN A 330 17.43 -16.63 -31.78
C GLN A 330 17.57 -16.71 -30.27
N ILE A 331 16.50 -16.55 -29.52
CA ILE A 331 16.57 -16.71 -28.06
C ILE A 331 16.68 -18.20 -27.74
N PRO A 332 17.68 -18.62 -26.95
CA PRO A 332 17.84 -20.05 -26.67
C PRO A 332 16.62 -20.64 -25.99
N SER A 333 16.43 -21.95 -26.19
CA SER A 333 15.24 -22.62 -25.69
C SER A 333 15.19 -22.62 -24.17
N ARG A 334 16.33 -22.62 -23.50
CA ARG A 334 16.33 -22.57 -22.04
C ARG A 334 15.80 -21.24 -21.53
N GLN A 335 15.99 -20.16 -22.29
CA GLN A 335 15.46 -18.87 -21.89
C GLN A 335 13.99 -18.71 -22.32
N LYS A 336 13.57 -19.41 -23.37
CA LYS A 336 12.17 -19.39 -23.75
C LYS A 336 11.30 -20.00 -22.66
N LYS A 337 11.75 -21.12 -22.08
CA LYS A 337 10.97 -21.77 -21.03
C LYS A 337 10.94 -20.94 -19.76
N ILE A 338 12.03 -20.24 -19.45
CA ILE A 338 12.05 -19.36 -18.28
C ILE A 338 11.04 -18.23 -18.47
N LEU A 339 10.99 -17.65 -19.66
CA LEU A 339 10.03 -16.59 -19.93
C LEU A 339 8.61 -17.13 -20.00
N GLU A 340 8.44 -18.37 -20.45
CA GLU A 340 7.11 -18.98 -20.49
C GLU A 340 6.56 -19.17 -19.08
N GLU A 341 7.36 -19.75 -18.19
CA GLU A 341 6.90 -19.98 -16.82
C GLU A 341 6.63 -18.68 -16.09
N ALA A 342 7.30 -17.59 -16.48
CA ALA A 342 7.01 -16.29 -15.89
C ALA A 342 5.69 -15.73 -16.40
N HIS A 343 5.35 -16.00 -17.66
CA HIS A 343 4.07 -15.53 -18.19
C HIS A 343 2.92 -16.32 -17.60
N GLU A 344 3.12 -17.61 -17.35
CA GLU A 344 2.06 -18.44 -16.78
C GLU A 344 1.63 -17.98 -15.40
N LEU A 345 2.43 -17.14 -14.75
CA LEU A 345 2.00 -16.55 -13.48
C LEU A 345 0.79 -15.65 -13.67
N SER A 346 0.63 -15.07 -14.85
CA SER A 346 -0.49 -14.18 -15.14
C SER A 346 -1.69 -14.90 -15.75
N GLU A 347 -1.51 -16.14 -16.19
CA GLU A 347 -2.62 -16.88 -16.81
C GLU A 347 -3.69 -17.21 -15.78
N ASP A 348 -4.93 -17.29 -16.26
CA ASP A 348 -6.09 -17.69 -15.45
C ASP A 348 -6.23 -16.79 -14.22
N HIS A 349 -6.29 -15.48 -14.47
CA HIS A 349 -6.48 -14.48 -13.41
C HIS A 349 -5.39 -14.58 -12.34
N TYR A 350 -4.15 -14.76 -12.80
CA TYR A 350 -2.98 -14.84 -11.91
C TYR A 350 -3.12 -15.95 -10.88
N LYS A 351 -3.60 -17.11 -11.32
CA LYS A 351 -3.74 -18.25 -10.41
C LYS A 351 -2.39 -18.72 -9.91
N LYS A 352 -1.43 -18.93 -10.82
CA LYS A 352 -0.13 -19.46 -10.43
C LYS A 352 0.68 -18.44 -9.64
N TYR A 353 0.45 -17.15 -9.88
CA TYR A 353 1.14 -16.13 -9.10
C TYR A 353 0.71 -16.16 -7.64
N LEU A 354 -0.59 -16.28 -7.39
CA LEU A 354 -1.08 -16.36 -6.01
C LEU A 354 -0.62 -17.65 -5.34
N ALA A 355 -0.60 -18.76 -6.09
CA ALA A 355 -0.18 -20.03 -5.52
C ALA A 355 1.30 -19.99 -5.13
N LYS A 356 2.13 -19.33 -5.94
CA LYS A 356 3.55 -19.24 -5.63
C LYS A 356 3.80 -18.28 -4.46
N LEU A 357 3.11 -17.14 -4.45
CA LEU A 357 3.30 -16.16 -3.40
C LEU A 357 2.84 -16.70 -2.04
N ARG A 358 1.75 -17.46 -2.03
CA ARG A 358 1.21 -17.97 -0.77
C ARG A 358 2.14 -18.98 -0.11
N SER A 359 3.03 -19.61 -0.86
CA SER A 359 3.97 -20.58 -0.31
C SER A 359 5.37 -20.03 -0.12
N ILE A 360 5.69 -18.91 -0.73
CA ILE A 360 7.04 -18.34 -0.65
C ILE A 360 7.21 -17.61 0.67
N ASN A 361 8.35 -17.84 1.32
CA ASN A 361 8.66 -17.15 2.57
C ASN A 361 9.25 -15.78 2.26
N PRO A 362 8.91 -14.76 3.06
CA PRO A 362 9.50 -13.44 2.86
C PRO A 362 11.01 -13.48 3.04
N PRO A 363 11.75 -12.49 2.50
CA PRO A 363 11.28 -11.29 1.78
C PRO A 363 10.80 -11.56 0.36
N CYS A 364 9.92 -10.68 -0.13
CA CYS A 364 9.38 -10.77 -1.48
C CYS A 364 8.72 -9.44 -1.81
N VAL A 365 8.58 -9.18 -3.09
CA VAL A 365 7.91 -7.97 -3.57
C VAL A 365 6.67 -8.37 -4.35
N PRO A 366 5.47 -8.19 -3.78
CA PRO A 366 4.26 -8.63 -4.48
C PRO A 366 3.95 -7.77 -5.70
N PHE A 367 3.06 -8.30 -6.54
CA PHE A 367 2.56 -7.62 -7.72
C PHE A 367 1.18 -7.05 -7.40
N PHE A 368 1.04 -5.73 -7.54
CA PHE A 368 -0.18 -5.04 -7.11
C PHE A 368 -1.34 -5.19 -8.09
N GLY A 369 -1.08 -5.58 -9.33
CA GLY A 369 -2.09 -5.47 -10.37
C GLY A 369 -3.34 -6.27 -10.07
N ILE A 370 -3.18 -7.56 -9.72
CA ILE A 370 -4.35 -8.41 -9.52
C ILE A 370 -5.14 -7.95 -8.30
N TYR A 371 -4.45 -7.51 -7.24
CA TYR A 371 -5.16 -7.05 -6.05
C TYR A 371 -5.98 -5.81 -6.33
N LEU A 372 -5.41 -4.85 -7.08
CA LEU A 372 -6.18 -3.69 -7.48
C LEU A 372 -7.37 -4.08 -8.34
N THR A 373 -7.21 -5.11 -9.18
CA THR A 373 -8.33 -5.57 -10.00
C THR A 373 -9.42 -6.18 -9.14
N ASN A 374 -9.06 -7.01 -8.16
CA ASN A 374 -10.05 -7.65 -7.31
C ASN A 374 -10.69 -6.65 -6.35
N ILE A 375 -9.95 -5.62 -5.95
CA ILE A 375 -10.53 -4.58 -5.11
C ILE A 375 -11.57 -3.79 -5.89
N LEU A 376 -11.26 -3.42 -7.14
CA LEU A 376 -12.21 -2.67 -7.95
C LEU A 376 -13.47 -3.46 -8.22
N LYS A 377 -13.37 -4.78 -8.38
CA LYS A 377 -14.56 -5.60 -8.56
C LYS A 377 -15.41 -5.63 -7.29
N THR A 378 -14.78 -5.53 -6.11
CA THR A 378 -15.54 -5.44 -4.88
C THR A 378 -16.20 -4.07 -4.74
N GLU A 379 -15.50 -3.02 -5.15
CA GLU A 379 -16.07 -1.68 -5.09
C GLU A 379 -17.28 -1.55 -6.00
N GLU A 380 -17.18 -2.07 -7.22
CA GLU A 380 -18.28 -1.97 -8.17
C GLU A 380 -19.37 -3.00 -7.92
N GLY A 381 -19.02 -4.15 -7.35
CA GLY A 381 -19.99 -5.21 -7.13
C GLY A 381 -20.80 -5.10 -5.85
N ASN A 382 -20.42 -4.20 -4.95
CA ASN A 382 -21.12 -4.03 -3.69
C ASN A 382 -21.58 -2.59 -3.53
N PRO A 383 -22.79 -2.38 -2.99
CA PRO A 383 -23.31 -1.02 -2.87
C PRO A 383 -22.67 -0.28 -1.70
N GLU A 384 -22.53 1.04 -1.89
CA GLU A 384 -21.92 1.88 -0.86
C GLU A 384 -22.75 1.88 0.42
N VAL A 385 -24.07 1.96 0.29
CA VAL A 385 -24.97 2.01 1.44
C VAL A 385 -25.99 0.89 1.32
N LEU A 386 -26.51 0.47 2.46
CA LEU A 386 -27.59 -0.50 2.55
C LEU A 386 -28.81 0.18 3.16
N LYS A 387 -29.98 -0.09 2.58
CA LYS A 387 -31.22 0.56 2.99
C LYS A 387 -32.04 -0.40 3.84
N ARG A 388 -32.52 0.09 4.99
CA ARG A 388 -33.39 -0.67 5.86
C ARG A 388 -34.49 0.25 6.35
N HIS A 389 -35.74 -0.05 5.97
CA HIS A 389 -36.89 0.79 6.29
C HIS A 389 -36.72 2.20 5.75
N GLY A 390 -36.05 2.33 4.61
CA GLY A 390 -35.78 3.63 4.03
C GLY A 390 -34.65 4.40 4.70
N LYS A 391 -33.82 3.74 5.50
CA LYS A 391 -32.71 4.38 6.19
C LYS A 391 -31.41 3.89 5.59
N GLU A 392 -30.59 4.82 5.11
CA GLU A 392 -29.30 4.46 4.52
C GLU A 392 -28.31 4.10 5.62
N LEU A 393 -27.63 2.97 5.44
CA LEU A 393 -26.64 2.50 6.39
C LEU A 393 -25.32 2.25 5.66
N ILE A 394 -24.21 2.67 6.29
CA ILE A 394 -22.90 2.48 5.69
C ILE A 394 -22.63 0.98 5.57
N ASN A 395 -22.46 0.50 4.34
CA ASN A 395 -22.15 -0.89 4.10
C ASN A 395 -20.70 -1.16 4.53
N PHE A 396 -20.53 -1.67 5.74
CA PHE A 396 -19.19 -1.88 6.28
C PHE A 396 -18.59 -3.21 5.86
N SER A 397 -19.41 -4.23 5.59
CA SER A 397 -18.88 -5.49 5.08
C SER A 397 -18.17 -5.28 3.75
N LYS A 398 -18.60 -4.30 2.96
CA LYS A 398 -17.89 -3.96 1.73
C LYS A 398 -16.48 -3.46 2.04
N ARG A 399 -16.33 -2.65 3.09
CA ARG A 399 -15.01 -2.17 3.46
C ARG A 399 -14.17 -3.28 4.07
N ARG A 400 -14.80 -4.18 4.84
CA ARG A 400 -14.06 -5.28 5.43
C ARG A 400 -13.47 -6.20 4.37
N LYS A 401 -14.23 -6.46 3.31
CA LYS A 401 -13.74 -7.32 2.23
C LYS A 401 -12.56 -6.69 1.52
N VAL A 402 -12.61 -5.37 1.31
CA VAL A 402 -11.49 -4.67 0.69
C VAL A 402 -10.29 -4.68 1.63
N ALA A 403 -10.52 -4.53 2.94
CA ALA A 403 -9.42 -4.56 3.90
C ALA A 403 -8.76 -5.92 3.96
N GLU A 404 -9.51 -7.00 3.78
CA GLU A 404 -8.92 -8.33 3.76
C GLU A 404 -7.95 -8.48 2.59
N ILE A 405 -8.29 -7.92 1.44
CA ILE A 405 -7.42 -8.01 0.27
C ILE A 405 -6.14 -7.23 0.52
N THR A 406 -6.25 -6.00 1.04
CA THR A 406 -5.07 -5.22 1.36
C THR A 406 -4.22 -5.90 2.43
N GLY A 407 -4.85 -6.68 3.31
CA GLY A 407 -4.09 -7.42 4.30
C GLY A 407 -3.23 -8.51 3.69
N GLU A 408 -3.66 -9.09 2.56
CA GLU A 408 -2.85 -10.11 1.90
C GLU A 408 -1.57 -9.53 1.34
N ILE A 409 -1.64 -8.32 0.77
CA ILE A 409 -0.44 -7.69 0.23
C ILE A 409 0.44 -7.18 1.35
N GLN A 410 -0.15 -6.71 2.45
CA GLN A 410 0.59 -6.03 3.50
C GLN A 410 1.39 -6.97 4.38
N GLN A 411 1.12 -8.28 4.35
CA GLN A 411 1.81 -9.21 5.24
C GLN A 411 3.29 -9.36 4.93
N TYR A 412 3.76 -8.81 3.81
CA TYR A 412 5.18 -8.82 3.47
C TYR A 412 5.83 -7.46 3.62
N GLN A 413 5.13 -6.50 4.24
CA GLN A 413 5.60 -5.12 4.34
C GLN A 413 6.76 -4.95 5.30
N ASN A 414 7.05 -5.93 6.15
CA ASN A 414 7.99 -5.76 7.24
C ASN A 414 9.27 -6.55 7.10
N GLN A 415 9.35 -7.50 6.17
CA GLN A 415 10.54 -8.34 6.03
C GLN A 415 11.52 -7.68 5.07
N PRO A 416 12.69 -7.25 5.54
CA PRO A 416 13.66 -6.62 4.64
C PRO A 416 14.45 -7.67 3.85
N TYR A 417 15.18 -7.17 2.85
CA TYR A 417 16.08 -8.01 2.06
C TYR A 417 17.48 -7.97 2.64
N CYS A 418 18.20 -9.07 2.47
CA CYS A 418 19.60 -9.16 2.90
C CYS A 418 20.53 -8.91 1.71
N LEU A 419 20.37 -7.72 1.12
CA LEU A 419 21.14 -7.30 -0.04
C LEU A 419 21.69 -5.91 0.20
N ARG A 420 22.95 -5.71 -0.18
CA ARG A 420 23.62 -4.43 0.03
C ARG A 420 23.18 -3.44 -1.05
N VAL A 421 22.96 -2.19 -0.62
CA VAL A 421 22.53 -1.14 -1.54
C VAL A 421 23.75 -0.53 -2.21
N GLU A 422 23.68 -0.37 -3.52
CA GLU A 422 24.70 0.34 -4.30
C GLU A 422 24.12 1.69 -4.69
N SER A 423 24.64 2.76 -4.08
CA SER A 423 24.02 4.07 -4.21
C SER A 423 24.04 4.58 -5.65
N ASP A 424 25.13 4.29 -6.38
CA ASP A 424 25.22 4.76 -7.76
C ASP A 424 24.24 4.03 -8.66
N ILE A 425 24.14 2.70 -8.52
CA ILE A 425 23.23 1.93 -9.35
C ILE A 425 21.78 2.24 -8.97
N LYS A 426 21.51 2.40 -7.68
CA LYS A 426 20.15 2.71 -7.22
C LYS A 426 19.69 4.05 -7.78
N ARG A 427 20.57 5.05 -7.79
CA ARG A 427 20.19 6.36 -8.31
C ARG A 427 20.03 6.34 -9.82
N PHE A 428 20.72 5.42 -10.51
CA PHE A 428 20.59 5.33 -11.96
C PHE A 428 19.18 4.91 -12.36
N PHE A 429 18.62 3.92 -11.68
CA PHE A 429 17.27 3.46 -12.00
C PHE A 429 16.20 4.39 -11.45
N GLU A 430 16.49 5.16 -10.42
CA GLU A 430 15.52 6.14 -9.93
C GLU A 430 15.31 7.28 -10.94
N ASN A 431 16.34 7.60 -11.72
CA ASN A 431 16.28 8.68 -12.68
C ASN A 431 16.08 8.21 -14.12
N LEU A 432 15.64 6.96 -14.30
CA LEU A 432 15.33 6.47 -15.64
C LEU A 432 14.11 7.20 -16.18
N ASN A 433 14.29 7.92 -17.29
CA ASN A 433 13.21 8.66 -17.95
C ASN A 433 13.16 8.21 -19.40
N PRO A 434 12.56 7.05 -19.67
CA PRO A 434 12.52 6.57 -21.07
C PRO A 434 11.66 7.45 -21.96
N MET A 435 10.55 7.96 -21.45
CA MET A 435 9.70 8.85 -22.25
C MET A 435 10.37 10.20 -22.50
N GLY A 436 11.38 10.56 -21.71
CA GLY A 436 12.05 11.83 -21.88
C GLY A 436 11.17 13.01 -21.51
N ASN A 437 10.64 13.71 -22.52
CA ASN A 437 9.77 14.85 -22.30
C ASN A 437 8.45 14.71 -23.05
N SER A 438 8.19 13.57 -23.67
CA SER A 438 6.97 13.33 -24.41
C SER A 438 5.98 12.52 -23.56
N MET A 439 4.70 12.60 -23.95
CA MET A 439 3.65 11.89 -23.24
C MET A 439 3.78 10.38 -23.48
N GLU A 440 2.98 9.62 -22.73
CA GLU A 440 3.06 8.16 -22.84
C GLU A 440 2.45 7.67 -24.14
N LYS A 441 1.30 8.22 -24.54
CA LYS A 441 0.67 7.79 -25.78
C LYS A 441 1.54 8.10 -26.99
N GLU A 442 2.23 9.24 -26.95
CA GLU A 442 3.16 9.57 -28.03
C GLU A 442 4.38 8.65 -28.01
N PHE A 443 4.83 8.29 -26.81
CA PHE A 443 6.01 7.42 -26.70
C PHE A 443 5.67 5.98 -27.08
N THR A 444 4.50 5.49 -26.66
CA THR A 444 4.10 4.13 -27.01
C THR A 444 3.87 4.00 -28.51
N ASP A 445 3.32 5.04 -29.14
CA ASP A 445 3.21 5.03 -30.60
C ASP A 445 4.58 5.11 -31.27
N TYR A 446 5.53 5.78 -30.62
CA TYR A 446 6.89 5.84 -31.16
C TYR A 446 7.57 4.48 -31.08
N LEU A 447 7.34 3.74 -29.98
CA LEU A 447 7.97 2.43 -29.83
C LEU A 447 7.43 1.44 -30.86
N PHE A 448 6.12 1.51 -31.15
CA PHE A 448 5.55 0.59 -32.12
C PHE A 448 6.00 0.92 -33.53
N ASN A 449 6.04 2.20 -33.89
CA ASN A 449 6.58 2.60 -35.18
C ASN A 449 8.05 2.25 -35.29
N LYS A 450 8.79 2.33 -34.19
CA LYS A 450 10.18 1.88 -34.19
C LYS A 450 10.28 0.38 -34.35
N SER A 451 9.30 -0.37 -33.83
CA SER A 451 9.29 -1.82 -34.00
C SER A 451 9.03 -2.21 -35.44
N LEU A 452 8.10 -1.52 -36.11
CA LEU A 452 7.87 -1.76 -37.52
C LEU A 452 9.06 -1.40 -38.38
N GLU A 453 9.95 -0.54 -37.88
CA GLU A 453 11.14 -0.16 -38.64
C GLU A 453 12.23 -1.22 -38.55
N ILE A 454 12.49 -1.72 -37.34
CA ILE A 454 13.56 -2.69 -37.15
C ILE A 454 13.16 -4.05 -37.72
N GLU A 455 11.87 -4.37 -37.71
CA GLU A 455 11.38 -5.63 -38.28
C GLU A 455 10.06 -5.36 -38.98
N PRO A 456 10.10 -5.05 -40.28
CA PRO A 456 8.86 -4.80 -41.02
C PRO A 456 7.98 -6.04 -41.08
N ARG A 457 6.75 -5.83 -41.55
CA ARG A 457 5.75 -6.89 -41.57
C ARG A 457 6.08 -7.91 -42.65
N ASN A 458 5.17 -8.87 -42.85
CA ASN A 458 5.46 -10.04 -43.67
C ASN A 458 5.87 -9.71 -45.10
N PRO A 459 5.15 -8.85 -45.84
CA PRO A 459 5.56 -8.62 -47.24
C PRO A 459 6.90 -7.93 -47.39
N LYS A 460 7.19 -6.95 -46.53
CA LYS A 460 8.42 -6.18 -46.68
C LYS A 460 9.63 -7.01 -46.25
N PRO A 461 10.77 -6.82 -46.90
CA PRO A 461 11.98 -7.54 -46.50
C PRO A 461 12.52 -7.01 -45.18
N LEU A 462 13.57 -7.69 -44.69
CA LEU A 462 14.16 -7.35 -43.41
C LEU A 462 15.48 -6.62 -43.63
N PRO A 463 15.53 -5.30 -43.46
CA PRO A 463 16.79 -4.57 -43.68
C PRO A 463 17.79 -4.83 -42.56
N ARG A 464 19.05 -4.59 -42.89
CA ARG A 464 20.13 -4.65 -41.91
C ARG A 464 20.40 -3.27 -41.34
N PHE A 465 20.93 -3.25 -40.11
CA PHE A 465 21.21 -2.01 -39.41
C PHE A 465 22.59 -2.09 -38.76
N PRO A 466 23.33 -0.98 -38.73
CA PRO A 466 24.65 -1.01 -38.12
C PRO A 466 24.58 -1.14 -36.60
N LYS A 467 25.67 -1.64 -36.03
CA LYS A 467 25.75 -1.83 -34.59
C LYS A 467 25.82 -0.48 -33.87
N LYS A 468 25.34 -0.47 -32.63
CA LYS A 468 25.37 0.73 -31.80
C LYS A 468 26.18 0.55 -30.52
N TYR A 469 26.60 -0.66 -30.19
CA TYR A 469 27.38 -0.92 -28.98
C TYR A 469 28.80 -1.30 -29.37
N SER A 470 29.78 -0.70 -28.70
CA SER A 470 31.19 -0.96 -28.97
C SER A 470 31.83 -1.87 -27.93
N TYR A 471 31.08 -2.31 -26.92
CA TYR A 471 31.58 -3.20 -25.90
C TYR A 471 31.06 -4.62 -26.12
N PRO A 472 31.70 -5.63 -25.52
CA PRO A 472 31.25 -7.01 -25.72
C PRO A 472 29.82 -7.22 -25.27
N LEU A 473 29.08 -8.02 -26.05
CA LEU A 473 27.69 -8.31 -25.77
C LEU A 473 27.50 -9.58 -24.95
N LYS A 474 28.57 -10.31 -24.64
CA LYS A 474 28.45 -11.56 -23.91
C LYS A 474 28.03 -11.28 -22.47
N SER A 475 27.06 -12.04 -22.00
CA SER A 475 26.57 -11.88 -20.63
C SER A 475 27.50 -12.59 -19.65
N PRO A 476 27.74 -11.99 -18.48
CA PRO A 476 28.55 -12.68 -17.47
C PRO A 476 27.82 -13.82 -16.78
N GLY A 477 26.49 -13.87 -16.89
CA GLY A 477 25.71 -14.95 -16.32
C GLY A 477 24.92 -14.49 -15.11
N VAL A 478 24.16 -15.43 -14.56
CA VAL A 478 23.35 -15.22 -13.37
C VAL A 478 23.86 -16.03 -12.19
N ARG A 479 25.02 -16.67 -12.32
CA ARG A 479 25.59 -17.46 -11.24
C ARG A 479 26.38 -16.56 -10.32
N PRO A 480 26.04 -16.48 -9.03
CA PRO A 480 26.81 -15.62 -8.11
C PRO A 480 28.21 -16.19 -7.88
N SER A 481 29.22 -15.36 -8.11
CA SER A 481 30.62 -15.76 -7.94
C SER A 481 31.00 -15.55 -6.48
N ASN A 482 31.09 -16.64 -5.73
CA ASN A 482 31.46 -16.57 -4.32
C ASN A 482 32.85 -17.16 -4.12
#